data_4WEQ
#
_entry.id   4WEQ
#
_cell.length_a   108.153
_cell.length_b   108.153
_cell.length_c   80.657
_cell.angle_alpha   90.000
_cell.angle_beta   90.000
_cell.angle_gamma   120.000
#
_symmetry.space_group_name_H-M   'P 32 2 1'
#
loop_
_entity.id
_entity.type
_entity.pdbx_description
1 polymer 'NAD-dependent dehydrogenase'
2 non-polymer 'NADP NICOTINAMIDE-ADENINE-DINUCLEOTIDE PHOSPHATE'
3 non-polymer 'SULFATE ION'
4 non-polymer DI(HYDROXYETHYL)ETHER
5 non-polymer GLYCEROL
6 non-polymer 'CHLORIDE ION'
7 water water
#
_entity_poly.entity_id   1
_entity_poly.type   'polypeptide(L)'
_entity_poly.pdbx_seq_one_letter_code
;MHHHHHHSSGVDLGTENLYFQSMPAKSPVIVDLKFIPEEVEAALAGAFPGREVIDLADPAHQERDLSGIDYAVVWKSAPD
LFSRAPDLKVVFSGGAGVDHVLTLPGLPDVPLVRFVDRTLTTRMSEWVMMQCLLHLRQHRAYEALAKKHEWRDLSQPEAA
DVTVGIMGMGVLGQDAARKLAAMGFKVIGWSRSKRVIEGVETYDAAGLDAFLGRTDFLVGLLPLTPDTRGIFNAALFAKL
SRNGPFGAPVFINAGRGGSQVEADILECLDSGVLGGASLDVFEREPLSPESRFWDMPNVYVTPHVAASSDVRALFVHVEH
QIARFESGLPLEHVVDKVAGY
;
_entity_poly.pdbx_strand_id   A
#
# COMPACT_ATOMS: atom_id res chain seq x y z
N LYS A 26 -34.40 4.41 6.27
CA LYS A 26 -33.04 4.18 5.67
C LYS A 26 -31.98 4.01 6.76
N SER A 27 -31.13 3.01 6.64
CA SER A 27 -30.14 2.83 7.68
C SER A 27 -29.22 4.06 7.75
N PRO A 28 -28.82 4.46 8.96
CA PRO A 28 -27.64 5.31 9.11
C PRO A 28 -26.38 4.65 8.57
N VAL A 29 -25.34 5.47 8.46
CA VAL A 29 -23.98 5.06 8.17
C VAL A 29 -23.08 5.56 9.27
N ILE A 30 -22.37 4.62 9.87
CA ILE A 30 -21.37 4.90 10.84
C ILE A 30 -20.08 5.18 10.07
N VAL A 31 -19.43 6.25 10.46
CA VAL A 31 -18.10 6.60 9.91
C VAL A 31 -17.15 6.70 11.07
N ASP A 32 -16.17 5.81 11.06
CA ASP A 32 -15.15 5.74 12.10
C ASP A 32 -13.80 5.62 11.46
N LEU A 33 -13.29 6.76 11.00
CA LEU A 33 -12.12 6.87 10.19
C LEU A 33 -11.04 7.77 10.79
N LYS A 34 -9.90 7.18 11.07
CA LYS A 34 -8.80 7.92 11.63
C LYS A 34 -7.99 8.49 10.47
N PHE A 35 -8.57 9.47 9.78
CA PHE A 35 -7.97 10.12 8.62
C PHE A 35 -7.75 11.58 9.03
N ILE A 36 -7.12 12.40 8.17
CA ILE A 36 -6.97 13.81 8.51
C ILE A 36 -8.38 14.39 8.78
N PRO A 37 -8.65 14.91 9.97
CA PRO A 37 -10.06 15.19 10.27
C PRO A 37 -10.73 16.24 9.36
N GLU A 38 -10.00 17.28 8.99
CA GLU A 38 -10.55 18.27 8.07
C GLU A 38 -11.01 17.60 6.76
N GLU A 39 -10.26 16.59 6.29
CA GLU A 39 -10.63 15.90 5.05
C GLU A 39 -11.93 15.14 5.25
N VAL A 40 -12.07 14.45 6.38
CA VAL A 40 -13.33 13.70 6.64
C VAL A 40 -14.54 14.65 6.75
N GLU A 41 -14.38 15.69 7.56
CA GLU A 41 -15.42 16.69 7.75
C GLU A 41 -15.78 17.29 6.41
N ALA A 42 -14.78 17.74 5.66
CA ALA A 42 -15.09 18.32 4.35
C ALA A 42 -15.91 17.32 3.48
N ALA A 43 -15.48 16.07 3.42
CA ALA A 43 -16.18 15.08 2.58
C ALA A 43 -17.61 14.69 3.03
N LEU A 44 -17.90 14.91 4.30
CA LEU A 44 -19.22 14.55 4.83
C LEU A 44 -20.34 15.35 4.22
N ALA A 45 -20.04 16.59 3.86
CA ALA A 45 -21.06 17.45 3.35
C ALA A 45 -21.66 16.88 2.09
N GLY A 46 -22.96 16.59 2.13
CA GLY A 46 -23.66 16.06 0.99
C GLY A 46 -23.41 14.58 0.77
N ALA A 47 -22.71 13.91 1.67
CA ALA A 47 -22.47 12.49 1.54
C ALA A 47 -23.69 11.72 2.04
N PHE A 48 -23.91 10.54 1.46
CA PHE A 48 -24.97 9.63 1.90
C PHE A 48 -26.31 10.38 1.97
N PRO A 49 -26.73 10.99 0.83
CA PRO A 49 -27.93 11.80 0.99
C PRO A 49 -29.11 10.93 1.41
N GLY A 50 -29.92 11.46 2.29
CA GLY A 50 -31.06 10.74 2.80
C GLY A 50 -30.78 9.85 4.00
N ARG A 51 -29.52 9.71 4.41
CA ARG A 51 -29.18 8.87 5.55
C ARG A 51 -28.58 9.68 6.67
N GLU A 52 -28.89 9.32 7.90
CA GLU A 52 -28.14 9.87 9.01
C GLU A 52 -26.68 9.34 8.93
N VAL A 53 -25.71 10.23 9.14
CA VAL A 53 -24.32 9.89 9.14
C VAL A 53 -23.85 10.11 10.58
N ILE A 54 -23.27 9.08 11.17
CA ILE A 54 -22.83 9.12 12.56
C ILE A 54 -21.32 9.06 12.52
N ASP A 55 -20.68 10.23 12.68
CA ASP A 55 -19.21 10.33 12.63
C ASP A 55 -18.65 10.15 14.02
N LEU A 56 -17.96 9.04 14.26
CA LEU A 56 -17.49 8.74 15.62
C LEU A 56 -16.28 9.53 16.04
N ALA A 57 -15.74 10.36 15.15
CA ALA A 57 -14.79 11.37 15.56
C ALA A 57 -15.41 12.44 16.43
N ASP A 58 -16.74 12.61 16.38
CA ASP A 58 -17.41 13.67 17.11
C ASP A 58 -17.68 13.21 18.58
N PRO A 59 -17.18 13.96 19.56
CA PRO A 59 -17.44 13.50 20.94
C PRO A 59 -18.93 13.36 21.30
N ALA A 60 -19.79 14.13 20.65
CA ALA A 60 -21.25 14.04 20.88
C ALA A 60 -21.82 12.64 20.71
N HIS A 61 -21.13 11.83 19.91
CA HIS A 61 -21.60 10.49 19.59
C HIS A 61 -20.95 9.38 20.38
N GLN A 62 -20.17 9.68 21.42
CA GLN A 62 -19.36 8.65 22.14
C GLN A 62 -20.15 7.66 22.99
N GLU A 63 -21.41 7.96 23.29
CA GLU A 63 -22.25 7.05 24.04
C GLU A 63 -23.44 6.58 23.28
N ARG A 64 -23.67 7.14 22.11
CA ARG A 64 -24.78 6.68 21.33
C ARG A 64 -24.72 5.17 21.16
N ASP A 65 -25.84 4.50 21.36
CA ASP A 65 -25.94 3.12 20.95
C ASP A 65 -26.00 3.06 19.41
N LEU A 66 -25.43 1.99 18.86
CA LEU A 66 -25.35 1.82 17.42
C LEU A 66 -25.99 0.55 16.87
N SER A 67 -26.95 0.00 17.61
CA SER A 67 -27.72 -1.13 17.10
C SER A 67 -28.65 -0.66 16.00
N GLY A 68 -29.11 -1.61 15.20
CA GLY A 68 -30.07 -1.34 14.15
C GLY A 68 -29.48 -0.58 12.98
N ILE A 69 -28.15 -0.53 12.89
CA ILE A 69 -27.46 0.18 11.81
C ILE A 69 -26.72 -0.81 10.93
N ASP A 70 -26.94 -0.69 9.63
CA ASP A 70 -26.52 -1.68 8.66
C ASP A 70 -25.09 -1.49 8.13
N TYR A 71 -24.59 -0.27 8.16
CA TYR A 71 -23.34 0.04 7.47
C TYR A 71 -22.37 0.81 8.32
N ALA A 72 -21.08 0.46 8.20
CA ALA A 72 -19.98 1.18 8.84
C ALA A 72 -18.81 1.28 7.86
N VAL A 73 -18.15 2.43 7.91
CA VAL A 73 -16.94 2.70 7.13
C VAL A 73 -15.84 2.96 8.14
N VAL A 74 -14.84 2.11 8.17
CA VAL A 74 -13.88 2.01 9.28
C VAL A 74 -12.42 2.04 8.81
N TRP A 75 -11.60 2.72 9.60
CA TRP A 75 -10.15 2.75 9.46
C TRP A 75 -9.58 3.09 10.83
N LYS A 76 -8.88 2.11 11.42
CA LYS A 76 -8.29 2.18 12.76
C LYS A 76 -9.35 2.51 13.78
N SER A 77 -10.50 1.87 13.62
CA SER A 77 -11.67 2.08 14.49
C SER A 77 -11.47 1.56 15.91
N ALA A 78 -12.25 2.07 16.87
CA ALA A 78 -12.03 1.67 18.26
C ALA A 78 -12.41 0.20 18.48
N PRO A 79 -11.73 -0.44 19.43
CA PRO A 79 -11.88 -1.89 19.69
C PRO A 79 -13.28 -2.36 19.99
N ASP A 80 -14.04 -1.51 20.67
CA ASP A 80 -15.37 -1.87 21.06
C ASP A 80 -16.45 -1.58 20.00
N LEU A 81 -16.06 -1.11 18.81
CA LEU A 81 -17.05 -0.72 17.81
C LEU A 81 -18.08 -1.82 17.46
N PHE A 82 -17.65 -3.02 17.14
CA PHE A 82 -18.61 -4.05 16.67
C PHE A 82 -19.47 -4.57 17.80
N SER A 83 -19.03 -4.44 19.04
CA SER A 83 -19.94 -4.71 20.16
C SER A 83 -20.99 -3.60 20.25
N ARG A 84 -20.66 -2.35 19.93
CA ARG A 84 -21.71 -1.31 19.94
C ARG A 84 -22.66 -1.44 18.75
N ALA A 85 -22.18 -1.98 17.63
CA ALA A 85 -22.96 -2.09 16.40
C ALA A 85 -23.12 -3.51 15.94
N PRO A 86 -23.95 -4.27 16.67
CA PRO A 86 -24.11 -5.67 16.37
C PRO A 86 -24.94 -5.98 15.11
N ASP A 87 -25.56 -5.00 14.47
CA ASP A 87 -26.47 -5.37 13.40
C ASP A 87 -25.91 -5.02 12.04
N LEU A 88 -24.60 -4.79 11.94
CA LEU A 88 -24.05 -4.41 10.66
C LEU A 88 -24.31 -5.48 9.61
N LYS A 89 -24.64 -5.04 8.41
CA LYS A 89 -24.78 -5.96 7.31
C LYS A 89 -23.62 -5.91 6.33
N VAL A 90 -22.92 -4.78 6.28
CA VAL A 90 -21.73 -4.68 5.46
C VAL A 90 -20.75 -3.76 6.16
N VAL A 91 -19.48 -4.15 6.17
CA VAL A 91 -18.39 -3.33 6.71
C VAL A 91 -17.53 -2.90 5.55
N PHE A 92 -17.20 -1.61 5.53
CA PHE A 92 -16.40 -1.05 4.46
C PHE A 92 -15.10 -0.57 5.07
N SER A 93 -13.98 -1.04 4.54
CA SER A 93 -12.68 -0.55 4.97
C SER A 93 -12.45 0.82 4.29
N GLY A 94 -11.77 1.71 5.00
CA GLY A 94 -11.32 2.96 4.40
C GLY A 94 -10.07 2.84 3.52
N GLY A 95 -9.42 1.67 3.57
CA GLY A 95 -8.24 1.43 2.77
C GLY A 95 -8.38 0.16 1.93
N ALA A 96 -7.46 -0.01 1.02
CA ALA A 96 -7.33 -1.21 0.21
C ALA A 96 -6.89 -2.44 1.01
N GLY A 97 -6.09 -2.20 2.03
CA GLY A 97 -5.55 -3.22 2.90
C GLY A 97 -6.46 -3.51 4.07
N VAL A 98 -6.65 -4.79 4.41
CA VAL A 98 -7.57 -5.14 5.48
C VAL A 98 -6.94 -5.95 6.62
N ASP A 99 -5.63 -6.08 6.63
CA ASP A 99 -5.02 -6.92 7.63
C ASP A 99 -5.37 -6.48 9.08
N HIS A 100 -5.52 -5.18 9.33
CA HIS A 100 -5.86 -4.68 10.68
C HIS A 100 -7.33 -4.89 10.95
N VAL A 101 -8.17 -4.61 9.98
CA VAL A 101 -9.61 -4.71 10.22
C VAL A 101 -10.05 -6.17 10.55
N LEU A 102 -9.40 -7.14 9.91
CA LEU A 102 -9.67 -8.56 10.13
C LEU A 102 -9.41 -8.95 11.55
N THR A 103 -8.56 -8.19 12.22
CA THR A 103 -8.24 -8.51 13.63
C THR A 103 -9.13 -7.85 14.65
N LEU A 104 -10.03 -7.01 14.22
CA LEU A 104 -10.88 -6.29 15.17
C LEU A 104 -11.88 -7.22 15.88
N PRO A 105 -11.98 -7.09 17.22
CA PRO A 105 -12.86 -7.89 18.02
C PRO A 105 -14.27 -7.75 17.52
N GLY A 106 -14.92 -8.88 17.40
CA GLY A 106 -16.31 -8.89 17.00
C GLY A 106 -16.57 -8.63 15.53
N LEU A 107 -15.52 -8.56 14.68
CA LEU A 107 -15.75 -8.32 13.25
C LEU A 107 -16.89 -9.24 12.80
N PRO A 108 -17.99 -8.69 12.24
CA PRO A 108 -19.12 -9.57 12.03
C PRO A 108 -18.92 -10.44 10.83
N ASP A 109 -19.70 -11.50 10.81
CA ASP A 109 -19.67 -12.51 9.80
C ASP A 109 -20.57 -12.06 8.63
N VAL A 110 -20.21 -10.96 8.01
CA VAL A 110 -20.95 -10.33 6.92
C VAL A 110 -19.89 -9.82 5.92
N PRO A 111 -20.29 -9.46 4.72
CA PRO A 111 -19.23 -9.09 3.79
C PRO A 111 -18.38 -7.90 4.24
N LEU A 112 -17.08 -7.98 3.97
CA LEU A 112 -16.16 -6.89 4.24
C LEU A 112 -15.68 -6.41 2.90
N VAL A 113 -15.92 -5.15 2.58
CA VAL A 113 -15.62 -4.64 1.28
C VAL A 113 -14.41 -3.71 1.41
N ARG A 114 -13.39 -3.93 0.58
CA ARG A 114 -12.19 -3.09 0.68
C ARG A 114 -12.29 -1.89 -0.30
N PHE A 115 -11.43 -0.88 -0.13
CA PHE A 115 -11.41 0.28 -1.03
C PHE A 115 -10.58 0.01 -2.28
N VAL A 116 -11.21 0.14 -3.44
CA VAL A 116 -10.59 0.03 -4.74
C VAL A 116 -11.16 1.16 -5.56
N ASP A 117 -10.33 1.97 -6.15
CA ASP A 117 -10.85 3.13 -6.84
C ASP A 117 -9.75 3.68 -7.71
N ARG A 118 -10.12 4.32 -8.81
CA ARG A 118 -9.13 4.94 -9.69
C ARG A 118 -8.29 5.99 -9.01
N THR A 119 -8.83 6.68 -8.02
CA THR A 119 -8.06 7.73 -7.33
C THR A 119 -6.93 7.11 -6.51
N LEU A 120 -7.22 5.98 -5.87
CA LEU A 120 -6.24 5.30 -5.03
C LEU A 120 -5.16 4.72 -5.90
N THR A 121 -5.58 4.01 -6.95
CA THR A 121 -4.65 3.42 -7.89
C THR A 121 -3.70 4.42 -8.54
N THR A 122 -4.24 5.54 -9.01
CA THR A 122 -3.43 6.50 -9.66
C THR A 122 -2.42 7.11 -8.69
N ARG A 123 -2.83 7.34 -7.45
CA ARG A 123 -1.94 7.86 -6.43
C ARG A 123 -0.79 6.90 -6.12
N MET A 124 -1.07 5.60 -6.04
CA MET A 124 0.00 4.67 -5.71
C MET A 124 1.03 4.66 -6.84
N SER A 125 0.55 4.65 -8.10
CA SER A 125 1.44 4.67 -9.25
C SER A 125 2.35 5.89 -9.30
N GLU A 126 1.83 7.04 -8.88
CA GLU A 126 2.65 8.25 -8.71
C GLU A 126 3.82 7.96 -7.77
N TRP A 127 3.51 7.37 -6.61
CA TRP A 127 4.55 7.15 -5.59
C TRP A 127 5.60 6.12 -6.10
N VAL A 128 5.14 5.06 -6.73
CA VAL A 128 6.00 4.01 -7.19
C VAL A 128 6.93 4.59 -8.30
N MET A 129 6.32 5.34 -9.22
CA MET A 129 7.07 5.96 -10.31
C MET A 129 8.13 6.91 -9.73
N MET A 130 7.74 7.68 -8.71
CA MET A 130 8.69 8.61 -8.09
C MET A 130 9.88 7.87 -7.50
N GLN A 131 9.65 6.80 -6.74
CA GLN A 131 10.73 6.05 -6.18
C GLN A 131 11.65 5.44 -7.29
N CYS A 132 11.07 4.83 -8.32
CA CYS A 132 11.87 4.24 -9.33
C CYS A 132 12.75 5.31 -10.03
N LEU A 133 12.18 6.49 -10.28
CA LEU A 133 12.96 7.57 -10.83
C LEU A 133 14.03 8.14 -9.87
N LEU A 134 13.72 8.30 -8.59
CA LEU A 134 14.69 8.79 -7.64
C LEU A 134 15.91 7.90 -7.61
N HIS A 135 15.70 6.60 -7.59
CA HIS A 135 16.81 5.65 -7.54
C HIS A 135 17.50 5.57 -8.91
N LEU A 136 16.73 5.54 -9.98
CA LEU A 136 17.33 5.51 -11.32
C LEU A 136 18.24 6.70 -11.61
N ARG A 137 17.78 7.90 -11.25
CA ARG A 137 18.42 9.12 -11.58
C ARG A 137 19.38 9.56 -10.50
N GLN A 138 19.68 8.66 -9.60
CA GLN A 138 20.73 8.87 -8.62
C GLN A 138 20.55 10.17 -7.84
N HIS A 139 19.33 10.37 -7.39
CA HIS A 139 18.97 11.60 -6.74
C HIS A 139 19.78 11.87 -5.48
N ARG A 140 19.95 10.87 -4.66
CA ARG A 140 20.77 11.08 -3.47
C ARG A 140 22.24 11.39 -3.82
N ALA A 141 22.82 10.78 -4.85
CA ALA A 141 24.16 11.12 -5.18
C ALA A 141 24.24 12.60 -5.60
N TYR A 142 23.29 13.05 -6.45
CA TYR A 142 23.31 14.42 -6.88
C TYR A 142 23.05 15.41 -5.73
N GLU A 143 22.26 15.03 -4.74
CA GLU A 143 22.03 15.87 -3.55
C GLU A 143 23.29 15.94 -2.68
N ALA A 144 24.04 14.84 -2.59
CA ALA A 144 25.30 14.89 -1.86
C ALA A 144 26.32 15.80 -2.56
N LEU A 145 26.37 15.75 -3.90
CA LEU A 145 27.21 16.65 -4.63
C LEU A 145 26.76 18.09 -4.36
N ALA A 146 25.45 18.34 -4.42
CA ALA A 146 24.95 19.71 -4.18
C ALA A 146 25.32 20.20 -2.81
N LYS A 147 25.24 19.33 -1.82
CA LYS A 147 25.63 19.74 -0.47
C LYS A 147 27.10 20.18 -0.40
N LYS A 148 27.96 19.63 -1.24
CA LYS A 148 29.33 20.08 -1.33
C LYS A 148 29.54 21.18 -2.34
N HIS A 149 28.48 21.71 -2.89
CA HIS A 149 28.52 22.75 -3.92
C HIS A 149 29.37 22.30 -5.12
N GLU A 150 29.24 21.04 -5.50
CA GLU A 150 30.11 20.44 -6.48
C GLU A 150 29.28 20.04 -7.68
N TRP A 151 29.70 20.53 -8.83
CA TRP A 151 29.07 20.26 -10.10
C TRP A 151 29.74 19.03 -10.69
N ARG A 152 29.03 17.92 -10.80
CA ARG A 152 29.64 16.73 -11.40
C ARG A 152 28.60 15.86 -12.09
N ASP A 153 28.77 15.62 -13.38
CA ASP A 153 27.89 14.71 -14.12
CA ASP A 153 27.88 14.75 -14.12
C ASP A 153 28.27 13.31 -13.85
N LEU A 154 27.29 12.45 -13.60
CA LEU A 154 27.49 11.06 -13.32
C LEU A 154 27.07 10.24 -14.52
N SER A 155 27.80 9.15 -14.83
CA SER A 155 27.32 8.17 -15.80
C SER A 155 25.91 7.74 -15.43
N GLN A 156 25.04 7.59 -16.41
CA GLN A 156 23.61 7.47 -16.16
C GLN A 156 22.95 6.49 -17.08
N PRO A 157 22.42 5.41 -16.51
CA PRO A 157 21.60 4.50 -17.33
C PRO A 157 20.23 5.09 -17.64
N GLU A 158 19.63 4.61 -18.71
CA GLU A 158 18.25 4.96 -19.01
C GLU A 158 17.34 3.91 -18.32
N ALA A 159 16.04 4.20 -18.21
CA ALA A 159 15.15 3.32 -17.52
C ALA A 159 15.16 1.90 -18.13
N ALA A 160 15.29 1.81 -19.44
CA ALA A 160 15.35 0.50 -20.11
C ALA A 160 16.54 -0.36 -19.67
N ASP A 161 17.58 0.23 -19.09
CA ASP A 161 18.69 -0.54 -18.52
C ASP A 161 18.38 -1.17 -17.17
N VAL A 162 17.23 -0.83 -16.58
CA VAL A 162 16.86 -1.32 -15.25
C VAL A 162 15.58 -2.18 -15.38
N THR A 163 15.62 -3.34 -14.74
CA THR A 163 14.41 -4.16 -14.55
C THR A 163 13.78 -3.93 -13.16
N VAL A 164 12.54 -3.49 -13.15
CA VAL A 164 11.74 -3.36 -11.96
C VAL A 164 10.89 -4.62 -11.87
N GLY A 165 11.00 -5.30 -10.74
CA GLY A 165 10.20 -6.49 -10.49
C GLY A 165 9.22 -6.14 -9.40
N ILE A 166 7.94 -6.35 -9.67
CA ILE A 166 6.89 -6.05 -8.73
C ILE A 166 6.30 -7.33 -8.14
N MET A 167 6.37 -7.46 -6.83
CA MET A 167 5.78 -8.57 -6.11
C MET A 167 4.42 -8.10 -5.68
N GLY A 168 3.39 -8.73 -6.23
CA GLY A 168 2.04 -8.25 -5.99
C GLY A 168 1.48 -7.74 -7.28
N MET A 169 0.67 -8.55 -7.92
CA MET A 169 0.17 -8.15 -9.20
C MET A 169 -1.34 -7.95 -9.23
N GLY A 170 -1.89 -7.23 -8.26
CA GLY A 170 -3.32 -6.98 -8.28
C GLY A 170 -3.64 -5.63 -8.89
N VAL A 171 -4.62 -4.96 -8.31
CA VAL A 171 -5.04 -3.64 -8.79
C VAL A 171 -3.84 -2.72 -8.86
N LEU A 172 -3.11 -2.59 -7.77
CA LEU A 172 -2.06 -1.60 -7.72
C LEU A 172 -0.82 -2.04 -8.50
N GLY A 173 -0.39 -3.29 -8.32
CA GLY A 173 0.78 -3.81 -9.03
C GLY A 173 0.65 -3.75 -10.53
N GLN A 174 -0.54 -4.06 -11.03
CA GLN A 174 -0.76 -3.96 -12.47
C GLN A 174 -0.68 -2.54 -13.01
N ASP A 175 -1.28 -1.60 -12.29
CA ASP A 175 -1.29 -0.21 -12.80
C ASP A 175 0.13 0.34 -12.75
N ALA A 176 0.84 0.08 -11.66
CA ALA A 176 2.24 0.50 -11.54
C ALA A 176 3.17 -0.09 -12.62
N ALA A 177 3.02 -1.38 -12.89
CA ALA A 177 3.77 -2.02 -13.94
C ALA A 177 3.54 -1.40 -15.32
N ARG A 178 2.28 -1.18 -15.71
CA ARG A 178 1.99 -0.61 -17.00
C ARG A 178 2.58 0.78 -17.10
N LYS A 179 2.44 1.57 -16.04
CA LYS A 179 3.00 2.94 -16.06
C LYS A 179 4.51 3.00 -16.10
N LEU A 180 5.17 2.10 -15.37
CA LEU A 180 6.61 2.00 -15.44
C LEU A 180 7.09 1.60 -16.84
N ALA A 181 6.46 0.60 -17.42
CA ALA A 181 6.81 0.18 -18.75
C ALA A 181 6.66 1.36 -19.72
N ALA A 182 5.60 2.16 -19.59
CA ALA A 182 5.34 3.24 -20.51
C ALA A 182 6.41 4.30 -20.37
N MET A 183 7.03 4.45 -19.20
CA MET A 183 8.17 5.34 -19.01
C MET A 183 9.48 4.83 -19.47
N GLY A 184 9.54 3.56 -19.87
CA GLY A 184 10.69 2.96 -20.47
C GLY A 184 11.38 1.86 -19.63
N PHE A 185 10.94 1.63 -18.40
CA PHE A 185 11.53 0.58 -17.57
C PHE A 185 11.22 -0.78 -18.16
N LYS A 186 12.14 -1.72 -18.00
CA LYS A 186 11.80 -3.12 -18.21
C LYS A 186 11.05 -3.58 -16.95
N VAL A 187 9.89 -4.24 -17.09
CA VAL A 187 9.09 -4.55 -15.94
C VAL A 187 8.70 -6.01 -15.96
N ILE A 188 8.85 -6.64 -14.81
CA ILE A 188 8.43 -8.01 -14.62
C ILE A 188 7.62 -8.09 -13.32
N GLY A 189 6.79 -9.11 -13.21
CA GLY A 189 5.92 -9.21 -12.04
C GLY A 189 5.82 -10.62 -11.47
N TRP A 190 5.40 -10.70 -10.20
CA TRP A 190 5.26 -11.95 -9.46
C TRP A 190 4.06 -11.91 -8.57
N SER A 191 3.39 -13.05 -8.51
CA SER A 191 2.28 -13.23 -7.57
C SER A 191 2.00 -14.70 -7.50
N ARG A 192 1.05 -15.09 -6.69
CA ARG A 192 0.81 -16.51 -6.41
C ARG A 192 0.47 -17.23 -7.69
N SER A 193 -0.51 -16.69 -8.41
CA SER A 193 -0.93 -17.26 -9.66
C SER A 193 -0.40 -16.38 -10.77
N LYS A 194 -0.40 -16.89 -11.99
CA LYS A 194 0.09 -16.13 -13.16
C LYS A 194 -0.99 -15.28 -13.89
N ARG A 195 -0.54 -14.19 -14.52
CA ARG A 195 -1.42 -13.16 -15.11
C ARG A 195 -0.89 -12.57 -16.36
N VAL A 196 -1.82 -12.07 -17.15
CA VAL A 196 -1.51 -11.75 -18.50
C VAL A 196 -1.58 -10.24 -18.65
N ILE A 197 -0.45 -9.64 -18.95
CA ILE A 197 -0.32 -8.20 -19.00
C ILE A 197 0.62 -7.85 -20.13
N GLU A 198 0.10 -7.09 -21.10
CA GLU A 198 0.88 -6.77 -22.28
C GLU A 198 2.12 -6.01 -21.86
N GLY A 199 3.25 -6.40 -22.43
CA GLY A 199 4.51 -5.71 -22.16
C GLY A 199 5.13 -5.99 -20.81
N VAL A 200 4.54 -6.95 -20.07
CA VAL A 200 5.04 -7.32 -18.75
C VAL A 200 5.03 -8.81 -18.61
N GLU A 201 6.22 -9.40 -18.54
CA GLU A 201 6.31 -10.81 -18.22
C GLU A 201 6.03 -11.02 -16.74
N THR A 202 5.32 -12.09 -16.44
CA THR A 202 4.95 -12.41 -15.07
C THR A 202 5.30 -13.85 -14.71
N TYR A 203 5.39 -14.08 -13.41
CA TYR A 203 5.82 -15.30 -12.81
C TYR A 203 4.80 -15.69 -11.76
N ASP A 204 4.61 -16.99 -11.58
CA ASP A 204 3.75 -17.51 -10.51
C ASP A 204 4.62 -17.84 -9.29
N ALA A 205 4.04 -18.48 -8.28
CA ALA A 205 4.67 -18.54 -6.97
C ALA A 205 6.02 -19.24 -7.13
N ALA A 206 6.06 -20.32 -7.88
CA ALA A 206 7.29 -21.16 -8.00
C ALA A 206 8.40 -20.43 -8.82
N GLY A 207 8.01 -19.39 -9.55
CA GLY A 207 8.95 -18.65 -10.34
C GLY A 207 9.68 -17.59 -9.51
N LEU A 208 9.46 -17.52 -8.19
CA LEU A 208 10.03 -16.47 -7.39
C LEU A 208 11.53 -16.26 -7.59
N ASP A 209 12.30 -17.35 -7.56
CA ASP A 209 13.76 -17.21 -7.62
C ASP A 209 14.20 -16.70 -8.98
N ALA A 210 13.57 -17.18 -10.07
CA ALA A 210 13.92 -16.68 -11.38
C ALA A 210 13.60 -15.17 -11.52
N PHE A 211 12.43 -14.80 -11.00
CA PHE A 211 12.01 -13.39 -10.97
C PHE A 211 13.02 -12.56 -10.16
N LEU A 212 13.38 -13.00 -8.95
CA LEU A 212 14.27 -12.17 -8.18
C LEU A 212 15.64 -11.95 -8.85
N GLY A 213 16.22 -13.00 -9.40
CA GLY A 213 17.48 -12.95 -10.11
C GLY A 213 17.53 -12.02 -11.30
N ARG A 214 16.38 -11.69 -11.89
CA ARG A 214 16.31 -10.72 -12.95
C ARG A 214 16.06 -9.29 -12.43
N THR A 215 15.72 -9.11 -11.14
CA THR A 215 15.23 -7.83 -10.65
C THR A 215 16.30 -6.91 -10.08
N ASP A 216 16.38 -5.68 -10.60
CA ASP A 216 17.28 -4.66 -10.05
C ASP A 216 16.60 -3.79 -8.99
N PHE A 217 15.37 -3.35 -9.28
CA PHE A 217 14.55 -2.58 -8.33
C PHE A 217 13.33 -3.45 -7.95
N LEU A 218 13.25 -3.85 -6.69
CA LEU A 218 12.17 -4.70 -6.22
C LEU A 218 11.08 -3.83 -5.64
N VAL A 219 9.87 -3.93 -6.14
CA VAL A 219 8.78 -3.15 -5.61
C VAL A 219 7.78 -4.09 -4.93
N GLY A 220 7.49 -3.83 -3.65
CA GLY A 220 6.51 -4.60 -2.88
C GLY A 220 5.14 -3.95 -2.89
N LEU A 221 4.19 -4.64 -3.52
CA LEU A 221 2.75 -4.28 -3.46
C LEU A 221 1.83 -5.49 -3.11
N LEU A 222 2.27 -6.17 -2.04
CA LEU A 222 1.56 -7.29 -1.45
C LEU A 222 0.78 -6.84 -0.20
N PRO A 223 -0.37 -7.47 -0.02
CA PRO A 223 -1.02 -7.39 1.25
C PRO A 223 -0.21 -8.07 2.30
N LEU A 224 -0.48 -7.73 3.57
CA LEU A 224 0.01 -8.50 4.67
C LEU A 224 -0.99 -9.59 4.96
N THR A 225 -0.49 -10.82 4.93
CA THR A 225 -1.27 -12.04 5.26
C THR A 225 -0.31 -12.92 6.04
N PRO A 226 -0.85 -13.98 6.69
CA PRO A 226 0.09 -14.87 7.34
C PRO A 226 1.14 -15.38 6.36
N ASP A 227 0.84 -15.48 5.07
CA ASP A 227 1.79 -16.04 4.12
C ASP A 227 2.78 -15.01 3.58
N THR A 228 2.53 -13.71 3.74
CA THR A 228 3.48 -12.69 3.34
C THR A 228 4.24 -12.05 4.48
N ARG A 229 4.13 -12.61 5.66
CA ARG A 229 4.73 -12.01 6.82
C ARG A 229 6.24 -12.24 6.78
N GLY A 230 7.05 -11.18 6.89
CA GLY A 230 8.50 -11.32 6.82
C GLY A 230 9.08 -11.86 5.52
N ILE A 231 8.35 -11.74 4.42
CA ILE A 231 8.83 -12.28 3.17
C ILE A 231 10.07 -11.48 2.65
N PHE A 232 10.16 -10.21 2.97
CA PHE A 232 11.24 -9.43 2.47
C PHE A 232 12.34 -9.50 3.50
N ASN A 233 13.24 -10.49 3.34
CA ASN A 233 14.36 -10.68 4.27
C ASN A 233 15.73 -10.79 3.59
N ALA A 234 16.79 -11.01 4.37
CA ALA A 234 18.15 -10.99 3.84
C ALA A 234 18.30 -12.02 2.74
N ALA A 235 17.68 -13.19 2.92
CA ALA A 235 17.85 -14.29 1.94
C ALA A 235 17.25 -13.85 0.63
N LEU A 236 16.16 -13.11 0.71
CA LEU A 236 15.50 -12.68 -0.51
C LEU A 236 16.31 -11.54 -1.16
N PHE A 237 16.72 -10.55 -0.39
CA PHE A 237 17.57 -9.51 -0.94
C PHE A 237 18.87 -10.06 -1.59
N ALA A 238 19.45 -11.14 -1.07
CA ALA A 238 20.66 -11.70 -1.65
C ALA A 238 20.44 -12.37 -3.02
N LYS A 239 19.19 -12.69 -3.31
CA LYS A 239 18.82 -13.28 -4.58
C LYS A 239 18.51 -12.28 -5.69
N LEU A 240 18.38 -11.01 -5.30
CA LEU A 240 18.15 -9.99 -6.30
C LEU A 240 19.33 -9.82 -7.23
N SER A 241 19.10 -9.25 -8.42
CA SER A 241 20.17 -9.12 -9.39
C SER A 241 21.23 -8.16 -8.97
N ARG A 242 22.47 -8.56 -9.20
CA ARG A 242 23.62 -7.69 -9.05
C ARG A 242 24.24 -7.35 -10.39
N ASN A 243 23.53 -7.64 -11.48
CA ASN A 243 24.03 -7.44 -12.81
C ASN A 243 23.54 -6.14 -13.44
N GLY A 244 22.79 -5.35 -12.68
CA GLY A 244 22.18 -4.15 -13.21
C GLY A 244 23.18 -3.01 -13.21
N PRO A 245 22.75 -1.86 -13.70
CA PRO A 245 23.74 -0.80 -13.91
C PRO A 245 24.36 -0.28 -12.64
N PHE A 246 23.75 -0.50 -11.47
CA PHE A 246 24.36 -0.01 -10.25
C PHE A 246 25.12 -1.09 -9.48
N GLY A 247 25.08 -2.33 -9.95
CA GLY A 247 25.82 -3.42 -9.27
C GLY A 247 25.17 -3.92 -8.00
N ALA A 248 24.04 -3.36 -7.61
CA ALA A 248 23.37 -3.75 -6.37
C ALA A 248 21.93 -3.35 -6.49
N PRO A 249 21.03 -4.18 -5.95
CA PRO A 249 19.63 -3.88 -6.08
C PRO A 249 19.08 -2.84 -5.05
N VAL A 250 17.86 -2.43 -5.33
CA VAL A 250 17.10 -1.47 -4.51
C VAL A 250 15.78 -2.10 -4.09
N PHE A 251 15.35 -1.77 -2.89
CA PHE A 251 14.10 -2.26 -2.32
C PHE A 251 13.14 -1.14 -2.04
N ILE A 252 11.93 -1.26 -2.60
CA ILE A 252 10.89 -0.27 -2.50
C ILE A 252 9.64 -0.98 -2.00
N ASN A 253 9.09 -0.59 -0.84
CA ASN A 253 7.89 -1.26 -0.27
C ASN A 253 6.81 -0.28 0.08
N ALA A 254 5.64 -0.46 -0.52
CA ALA A 254 4.48 0.28 -0.17
C ALA A 254 3.25 -0.62 0.10
N GLY A 255 3.51 -1.90 0.42
CA GLY A 255 2.45 -2.83 0.71
C GLY A 255 2.15 -2.70 2.21
N ARG A 256 2.83 -3.53 3.00
CA ARG A 256 2.75 -3.50 4.45
C ARG A 256 4.08 -3.73 5.11
N GLY A 257 4.30 -3.04 6.21
CA GLY A 257 5.54 -3.21 6.94
C GLY A 257 5.78 -4.59 7.54
N GLY A 258 4.74 -5.27 7.96
CA GLY A 258 4.91 -6.61 8.52
C GLY A 258 5.46 -7.63 7.53
N SER A 259 5.48 -7.27 6.23
CA SER A 259 6.09 -8.13 5.23
C SER A 259 7.60 -8.03 5.17
N GLN A 260 8.22 -7.08 5.86
CA GLN A 260 9.64 -6.93 5.76
C GLN A 260 10.28 -7.18 7.09
N VAL A 261 11.55 -7.58 7.06
CA VAL A 261 12.33 -7.72 8.27
C VAL A 261 13.31 -6.53 8.26
N GLU A 262 13.04 -5.53 9.08
CA GLU A 262 13.81 -4.30 9.07
C GLU A 262 15.25 -4.48 9.51
N ALA A 263 15.49 -5.43 10.42
CA ALA A 263 16.83 -5.72 10.86
C ALA A 263 17.69 -6.15 9.63
N ASP A 264 17.07 -6.91 8.71
CA ASP A 264 17.76 -7.39 7.49
C ASP A 264 17.95 -6.27 6.50
N ILE A 265 16.92 -5.42 6.34
CA ILE A 265 17.05 -4.24 5.44
C ILE A 265 18.25 -3.41 5.91
N LEU A 266 18.32 -3.11 7.21
CA LEU A 266 19.42 -2.32 7.76
C LEU A 266 20.79 -2.97 7.49
N GLU A 267 20.89 -4.28 7.73
CA GLU A 267 22.15 -4.98 7.58
CA GLU A 267 22.18 -4.97 7.59
C GLU A 267 22.60 -4.99 6.10
N CYS A 268 21.64 -5.23 5.22
CA CYS A 268 21.88 -5.20 3.78
C CYS A 268 22.28 -3.84 3.25
N LEU A 269 21.70 -2.76 3.79
CA LEU A 269 22.08 -1.45 3.39
C LEU A 269 23.50 -1.15 3.87
N ASP A 270 23.79 -1.43 5.13
CA ASP A 270 25.14 -1.24 5.68
C ASP A 270 26.23 -1.99 4.90
N SER A 271 25.94 -3.21 4.46
CA SER A 271 26.93 -3.99 3.78
C SER A 271 26.98 -3.65 2.29
N GLY A 272 25.98 -2.96 1.77
CA GLY A 272 25.91 -2.74 0.33
C GLY A 272 25.18 -3.84 -0.45
N VAL A 273 24.68 -4.86 0.20
CA VAL A 273 23.80 -5.81 -0.48
C VAL A 273 22.58 -5.12 -1.07
N LEU A 274 22.02 -4.17 -0.34
CA LEU A 274 21.08 -3.22 -0.95
C LEU A 274 21.77 -1.93 -1.15
N GLY A 275 21.58 -1.37 -2.34
CA GLY A 275 22.11 -0.05 -2.62
C GLY A 275 21.26 1.10 -2.12
N GLY A 276 20.00 0.86 -1.85
CA GLY A 276 19.14 1.93 -1.35
C GLY A 276 17.78 1.34 -1.15
N ALA A 277 16.87 2.12 -0.57
CA ALA A 277 15.49 1.68 -0.37
C ALA A 277 14.55 2.88 -0.32
N SER A 278 13.31 2.62 -0.66
CA SER A 278 12.20 3.50 -0.37
C SER A 278 11.17 2.75 0.43
N LEU A 279 10.86 3.27 1.62
CA LEU A 279 9.90 2.61 2.51
C LEU A 279 8.77 3.55 2.90
N ASP A 280 7.55 3.17 2.55
CA ASP A 280 6.36 3.88 2.95
C ASP A 280 5.65 3.22 4.12
N VAL A 281 6.08 2.00 4.47
CA VAL A 281 5.41 1.18 5.49
C VAL A 281 6.44 0.49 6.33
N PHE A 282 6.09 0.28 7.58
CA PHE A 282 7.01 -0.18 8.60
C PHE A 282 6.38 -1.20 9.50
N GLU A 283 7.22 -2.03 10.13
CA GLU A 283 6.71 -3.09 11.03
C GLU A 283 5.91 -2.50 12.17
N ARG A 284 6.29 -1.33 12.64
CA ARG A 284 5.52 -0.67 13.66
C ARG A 284 5.39 0.79 13.24
N GLU A 285 4.16 1.23 13.09
CA GLU A 285 3.82 2.58 12.64
C GLU A 285 3.01 3.27 13.72
N PRO A 286 3.18 4.56 13.93
CA PRO A 286 4.19 5.37 13.30
C PRO A 286 5.58 4.89 13.59
N LEU A 287 6.49 5.09 12.66
CA LEU A 287 7.87 4.67 12.80
C LEU A 287 8.49 5.39 14.00
N SER A 288 9.20 4.62 14.82
CA SER A 288 9.75 5.16 16.04
C SER A 288 10.68 6.30 15.72
N PRO A 289 10.66 7.36 16.50
CA PRO A 289 11.65 8.41 16.28
C PRO A 289 13.08 7.95 16.49
N GLU A 290 13.31 6.82 17.14
CA GLU A 290 14.67 6.28 17.30
C GLU A 290 15.14 5.40 16.13
N SER A 291 14.31 5.20 15.12
CA SER A 291 14.71 4.33 13.99
C SER A 291 15.93 4.91 13.29
N ARG A 292 16.81 4.04 12.82
CA ARG A 292 17.89 4.52 12.01
C ARG A 292 17.42 4.96 10.61
N PHE A 293 16.24 4.53 10.16
CA PHE A 293 15.87 4.80 8.78
C PHE A 293 15.79 6.28 8.52
N TRP A 294 15.40 7.07 9.53
CA TRP A 294 15.27 8.49 9.33
C TRP A 294 16.50 9.21 8.74
N ASP A 295 17.68 8.78 9.16
CA ASP A 295 18.91 9.53 8.87
C ASP A 295 19.71 8.88 7.77
N MET A 296 19.26 7.75 7.22
CA MET A 296 20.08 7.04 6.31
C MET A 296 20.06 7.63 4.91
N PRO A 297 21.25 7.85 4.36
CA PRO A 297 21.38 8.66 3.18
C PRO A 297 20.73 7.95 1.95
N ASN A 298 20.66 6.61 1.88
CA ASN A 298 20.04 6.03 0.73
C ASN A 298 18.70 5.41 1.04
N VAL A 299 18.04 5.84 2.12
CA VAL A 299 16.66 5.46 2.36
C VAL A 299 15.75 6.68 2.28
N TYR A 300 14.64 6.53 1.56
CA TYR A 300 13.53 7.49 1.56
C TYR A 300 12.35 6.95 2.38
N VAL A 301 12.04 7.66 3.47
CA VAL A 301 10.96 7.32 4.36
C VAL A 301 9.75 8.20 4.07
N THR A 302 8.59 7.59 3.83
CA THR A 302 7.35 8.33 3.83
C THR A 302 6.38 7.68 4.82
N PRO A 303 5.54 8.49 5.47
CA PRO A 303 4.66 8.00 6.57
C PRO A 303 3.31 7.36 6.15
N HIS A 304 3.43 6.28 5.40
CA HIS A 304 2.30 5.50 4.92
C HIS A 304 1.32 6.43 4.17
N VAL A 305 1.86 7.10 3.17
CA VAL A 305 1.14 8.04 2.36
C VAL A 305 1.32 7.71 0.88
N ALA A 306 1.74 6.50 0.56
CA ALA A 306 1.97 6.21 -0.88
C ALA A 306 0.69 6.46 -1.68
N ALA A 307 -0.44 6.06 -1.10
CA ALA A 307 -1.71 6.42 -1.72
C ALA A 307 -2.65 6.79 -0.61
N SER A 308 -2.95 8.07 -0.47
CA SER A 308 -3.95 8.53 0.52
C SER A 308 -5.35 8.19 0.00
N SER A 309 -6.26 7.86 0.92
CA SER A 309 -7.65 7.64 0.52
C SER A 309 -8.24 9.03 0.29
N ASP A 310 -8.78 9.23 -0.88
CA ASP A 310 -9.53 10.42 -1.15
C ASP A 310 -10.86 10.13 -0.50
N VAL A 311 -11.17 10.87 0.55
CA VAL A 311 -12.31 10.53 1.36
C VAL A 311 -13.56 10.73 0.58
N ARG A 312 -13.61 11.80 -0.24
CA ARG A 312 -14.77 11.99 -1.07
C ARG A 312 -15.03 10.75 -1.95
N ALA A 313 -13.98 10.25 -2.58
CA ALA A 313 -14.09 9.08 -3.46
C ALA A 313 -14.47 7.83 -2.68
N LEU A 314 -13.92 7.69 -1.49
CA LEU A 314 -14.31 6.61 -0.57
C LEU A 314 -15.82 6.60 -0.37
N PHE A 315 -16.39 7.75 -0.07
CA PHE A 315 -17.82 7.80 0.21
C PHE A 315 -18.66 7.55 -1.05
N VAL A 316 -18.19 8.04 -2.18
CA VAL A 316 -18.85 7.69 -3.44
C VAL A 316 -18.82 6.16 -3.64
N HIS A 317 -17.68 5.50 -3.38
CA HIS A 317 -17.55 4.05 -3.52
C HIS A 317 -18.48 3.34 -2.56
N VAL A 318 -18.52 3.80 -1.31
CA VAL A 318 -19.42 3.26 -0.34
C VAL A 318 -20.88 3.46 -0.73
N GLU A 319 -21.24 4.67 -1.16
CA GLU A 319 -22.61 4.92 -1.57
C GLU A 319 -23.01 3.99 -2.70
N HIS A 320 -22.10 3.83 -3.64
CA HIS A 320 -22.33 2.96 -4.77
C HIS A 320 -22.57 1.51 -4.34
N GLN A 321 -21.73 0.99 -3.45
CA GLN A 321 -21.89 -0.37 -3.02
C GLN A 321 -23.15 -0.56 -2.20
N ILE A 322 -23.54 0.43 -1.40
CA ILE A 322 -24.81 0.34 -0.68
C ILE A 322 -25.98 0.24 -1.66
N ALA A 323 -25.89 1.00 -2.74
CA ALA A 323 -26.95 0.97 -3.72
C ALA A 323 -27.03 -0.42 -4.37
N ARG A 324 -25.90 -0.98 -4.73
CA ARG A 324 -25.94 -2.34 -5.28
C ARG A 324 -26.53 -3.34 -4.26
N PHE A 325 -26.06 -3.29 -3.03
CA PHE A 325 -26.48 -4.23 -2.01
C PHE A 325 -27.97 -4.19 -1.87
N GLU A 326 -28.50 -2.98 -1.72
CA GLU A 326 -29.93 -2.78 -1.56
C GLU A 326 -30.77 -3.10 -2.79
N SER A 327 -30.15 -3.15 -3.96
CA SER A 327 -30.86 -3.56 -5.17
C SER A 327 -30.72 -5.04 -5.45
N GLY A 328 -30.07 -5.77 -4.57
CA GLY A 328 -29.87 -7.19 -4.77
C GLY A 328 -28.68 -7.55 -5.65
N LEU A 329 -27.92 -6.57 -6.14
CA LEU A 329 -26.74 -6.87 -6.92
C LEU A 329 -25.61 -7.27 -5.99
N PRO A 330 -24.66 -8.07 -6.50
CA PRO A 330 -23.64 -8.45 -5.53
C PRO A 330 -22.59 -7.38 -5.28
N LEU A 331 -22.07 -7.38 -4.07
CA LEU A 331 -21.05 -6.45 -3.72
C LEU A 331 -19.77 -6.75 -4.47
N GLU A 332 -19.01 -5.70 -4.73
CA GLU A 332 -17.73 -5.78 -5.38
C GLU A 332 -16.61 -5.53 -4.38
N HIS A 333 -15.44 -6.04 -4.74
CA HIS A 333 -14.27 -5.97 -3.90
C HIS A 333 -14.47 -6.52 -2.50
N VAL A 334 -15.14 -7.66 -2.40
CA VAL A 334 -15.28 -8.32 -1.11
C VAL A 334 -14.04 -9.08 -0.75
N VAL A 335 -13.62 -8.94 0.49
CA VAL A 335 -12.48 -9.66 0.99
C VAL A 335 -12.73 -11.14 1.27
N ASP A 336 -11.73 -11.98 0.94
CA ASP A 336 -11.70 -13.41 1.38
C ASP A 336 -11.02 -13.43 2.74
N LYS A 337 -11.81 -13.53 3.80
CA LYS A 337 -11.28 -13.40 5.15
C LYS A 337 -10.31 -14.51 5.57
N VAL A 338 -10.45 -15.68 4.98
CA VAL A 338 -9.54 -16.79 5.21
C VAL A 338 -8.18 -16.46 4.59
N ALA A 339 -8.18 -15.93 3.37
CA ALA A 339 -6.94 -15.53 2.67
C ALA A 339 -6.29 -14.26 3.25
N GLY A 340 -7.12 -13.35 3.78
CA GLY A 340 -6.62 -12.13 4.40
C GLY A 340 -6.60 -10.94 3.45
N TYR A 341 -7.20 -11.12 2.27
CA TYR A 341 -7.24 -10.06 1.25
C TYR A 341 -8.30 -10.33 0.21
#